data_2RRI
#
_entry.id   2RRI
#
_entity_poly.entity_id   1
_entity_poly.type   'polypeptide(L)'
_entity_poly.pdbx_seq_one_letter_code
;HSDAVFTDNYTRLRKQMAVKKYLNSILNG
;
_entity_poly.pdbx_strand_id   A
#
# COMPACT_ATOMS: atom_id res chain seq x y z
N HIS A 1 -3.89 21.05 -3.53
CA HIS A 1 -3.88 19.82 -2.74
C HIS A 1 -4.37 20.09 -1.32
N SER A 2 -5.34 20.98 -1.20
CA SER A 2 -5.90 21.33 0.11
C SER A 2 -6.73 20.18 0.66
N ASP A 3 -7.63 19.65 -0.16
CA ASP A 3 -8.50 18.55 0.25
C ASP A 3 -8.32 17.36 -0.68
N ALA A 4 -8.81 16.20 -0.24
CA ALA A 4 -8.71 14.99 -1.04
C ALA A 4 -7.26 14.59 -1.26
N VAL A 5 -6.37 15.03 -0.36
CA VAL A 5 -4.95 14.73 -0.47
C VAL A 5 -4.69 13.24 -0.25
N PHE A 6 -5.60 12.58 0.46
CA PHE A 6 -5.47 11.16 0.74
C PHE A 6 -5.29 10.36 -0.54
N THR A 7 -5.75 10.93 -1.65
CA THR A 7 -5.65 10.27 -2.95
C THR A 7 -4.20 9.88 -3.25
N ASP A 8 -3.26 10.74 -2.89
CA ASP A 8 -1.85 10.48 -3.11
C ASP A 8 -1.37 9.32 -2.24
N ASN A 9 -1.75 9.34 -0.97
CA ASN A 9 -1.35 8.30 -0.03
C ASN A 9 -2.02 6.98 -0.39
N TYR A 10 -3.28 7.04 -0.80
CA TYR A 10 -4.02 5.85 -1.16
C TYR A 10 -3.48 5.23 -2.45
N THR A 11 -3.26 6.08 -3.45
CA THR A 11 -2.73 5.62 -4.73
C THR A 11 -1.33 5.05 -4.58
N ARG A 12 -0.49 5.73 -3.83
CA ARG A 12 0.88 5.29 -3.60
C ARG A 12 0.92 4.09 -2.66
N LEU A 13 0.09 4.13 -1.62
CA LEU A 13 0.03 3.05 -0.65
C LEU A 13 -0.45 1.76 -1.30
N ARG A 14 -1.32 1.89 -2.30
CA ARG A 14 -1.86 0.75 -3.01
C ARG A 14 -0.73 -0.09 -3.61
N LYS A 15 0.35 0.57 -4.00
CA LYS A 15 1.49 -0.12 -4.59
C LYS A 15 2.21 -0.97 -3.56
N GLN A 16 2.29 -0.46 -2.33
CA GLN A 16 2.96 -1.17 -1.25
C GLN A 16 2.25 -2.50 -0.96
N MET A 17 0.93 -2.50 -1.08
CA MET A 17 0.14 -3.70 -0.83
C MET A 17 0.64 -4.87 -1.68
N ALA A 18 1.14 -4.55 -2.88
CA ALA A 18 1.65 -5.58 -3.78
C ALA A 18 2.87 -6.27 -3.18
N VAL A 19 3.82 -5.48 -2.72
CA VAL A 19 5.04 -6.02 -2.11
C VAL A 19 4.74 -6.68 -0.78
N LYS A 20 4.00 -5.98 0.07
CA LYS A 20 3.65 -6.51 1.39
C LYS A 20 2.98 -7.87 1.27
N LYS A 21 2.25 -8.08 0.18
CA LYS A 21 1.57 -9.34 -0.06
C LYS A 21 2.56 -10.48 -0.20
N TYR A 22 3.53 -10.31 -1.09
CA TYR A 22 4.55 -11.33 -1.32
C TYR A 22 5.53 -11.39 -0.17
N LEU A 23 6.06 -10.23 0.21
CA LEU A 23 7.03 -10.15 1.31
C LEU A 23 6.43 -10.75 2.59
N ASN A 24 5.12 -10.65 2.74
CA ASN A 24 4.45 -11.18 3.92
C ASN A 24 4.45 -12.70 3.89
N SER A 25 4.38 -13.28 2.70
CA SER A 25 4.38 -14.73 2.54
C SER A 25 5.78 -15.30 2.72
N ILE A 26 6.78 -14.54 2.28
CA ILE A 26 8.17 -14.97 2.39
C ILE A 26 8.84 -14.36 3.61
N LEU A 27 8.79 -13.03 3.70
CA LEU A 27 9.40 -12.31 4.81
C LEU A 27 8.67 -12.64 6.12
N ASN A 28 7.36 -12.82 6.03
CA ASN A 28 6.55 -13.14 7.21
C ASN A 28 5.89 -14.51 7.06
N GLY A 29 6.31 -15.26 6.05
CA GLY A 29 5.75 -16.58 5.82
C GLY A 29 5.43 -17.31 7.11
N HIS A 1 -13.00 8.95 8.90
CA HIS A 1 -12.40 10.09 8.24
C HIS A 1 -12.20 9.84 6.75
N SER A 2 -13.07 10.42 5.93
CA SER A 2 -12.98 10.25 4.49
C SER A 2 -12.48 11.52 3.81
N ASP A 3 -11.70 11.34 2.75
CA ASP A 3 -11.15 12.47 2.01
C ASP A 3 -11.06 12.15 0.52
N ALA A 4 -10.73 13.16 -0.28
CA ALA A 4 -10.62 13.00 -1.72
C ALA A 4 -9.15 12.97 -2.15
N VAL A 5 -8.39 13.96 -1.71
CA VAL A 5 -6.98 14.04 -2.04
C VAL A 5 -6.22 12.81 -1.57
N PHE A 6 -6.63 12.28 -0.42
CA PHE A 6 -5.99 11.11 0.15
C PHE A 6 -5.98 9.95 -0.84
N THR A 7 -6.90 10.00 -1.81
CA THR A 7 -7.00 8.96 -2.82
C THR A 7 -5.67 8.76 -3.53
N ASP A 8 -4.98 9.87 -3.80
CA ASP A 8 -3.68 9.81 -4.48
C ASP A 8 -2.63 9.15 -3.59
N ASN A 9 -2.60 9.55 -2.33
CA ASN A 9 -1.64 9.00 -1.38
C ASN A 9 -1.94 7.53 -1.09
N TYR A 10 -3.22 7.20 -0.98
CA TYR A 10 -3.64 5.83 -0.72
C TYR A 10 -3.35 4.93 -1.91
N THR A 11 -3.73 5.39 -3.10
CA THR A 11 -3.50 4.62 -4.32
C THR A 11 -2.01 4.40 -4.56
N ARG A 12 -1.23 5.45 -4.39
CA ARG A 12 0.21 5.38 -4.61
C ARG A 12 0.88 4.61 -3.47
N LEU A 13 0.35 4.75 -2.26
CA LEU A 13 0.90 4.07 -1.10
C LEU A 13 0.70 2.56 -1.21
N ARG A 14 -0.38 2.15 -1.87
CA ARG A 14 -0.67 0.74 -2.05
C ARG A 14 0.50 0.02 -2.71
N LYS A 15 1.34 0.77 -3.41
CA LYS A 15 2.50 0.20 -4.08
C LYS A 15 3.55 -0.25 -3.06
N GLN A 16 3.69 0.52 -1.99
CA GLN A 16 4.67 0.21 -0.95
C GLN A 16 4.27 -1.07 -0.21
N MET A 17 2.99 -1.18 0.12
CA MET A 17 2.49 -2.36 0.83
C MET A 17 2.30 -3.52 -0.12
N ALA A 18 2.26 -3.23 -1.42
CA ALA A 18 2.08 -4.27 -2.42
C ALA A 18 3.07 -5.41 -2.22
N VAL A 19 4.36 -5.07 -2.10
CA VAL A 19 5.39 -6.06 -1.90
C VAL A 19 5.28 -6.71 -0.52
N LYS A 20 5.11 -5.88 0.50
CA LYS A 20 4.97 -6.36 1.87
C LYS A 20 3.86 -7.40 1.97
N LYS A 21 2.84 -7.26 1.15
CA LYS A 21 1.71 -8.19 1.14
C LYS A 21 2.17 -9.58 0.73
N TYR A 22 2.84 -9.65 -0.42
CA TYR A 22 3.32 -10.94 -0.94
C TYR A 22 4.51 -11.43 -0.12
N LEU A 23 5.49 -10.56 0.06
CA LEU A 23 6.68 -10.91 0.83
C LEU A 23 6.31 -11.46 2.20
N ASN A 24 5.21 -10.98 2.74
CA ASN A 24 4.74 -11.42 4.05
C ASN A 24 4.25 -12.87 3.99
N SER A 25 3.68 -13.24 2.86
CA SER A 25 3.16 -14.59 2.67
C SER A 25 4.29 -15.58 2.43
N ILE A 26 5.33 -15.11 1.73
CA ILE A 26 6.48 -15.95 1.42
C ILE A 26 7.63 -15.69 2.39
N LEU A 27 8.02 -14.44 2.51
CA LEU A 27 9.11 -14.06 3.41
C LEU A 27 8.72 -14.29 4.86
N ASN A 28 7.43 -14.12 5.16
CA ASN A 28 6.92 -14.31 6.51
C ASN A 28 5.85 -15.38 6.55
N GLY A 29 5.70 -16.10 5.43
CA GLY A 29 4.70 -17.15 5.35
C GLY A 29 4.53 -17.90 6.66
N HIS A 1 -6.93 25.63 -0.49
CA HIS A 1 -7.82 25.08 -1.51
C HIS A 1 -7.47 23.63 -1.83
N SER A 2 -7.15 22.87 -0.79
CA SER A 2 -6.80 21.47 -0.95
C SER A 2 -7.91 20.70 -1.66
N ASP A 3 -7.53 19.80 -2.55
CA ASP A 3 -8.49 19.00 -3.31
C ASP A 3 -8.56 17.58 -2.75
N ALA A 4 -7.41 16.96 -2.56
CA ALA A 4 -7.34 15.60 -2.03
C ALA A 4 -5.90 15.18 -1.77
N VAL A 5 -5.51 15.15 -0.50
CA VAL A 5 -4.17 14.77 -0.11
C VAL A 5 -4.06 13.25 0.08
N PHE A 6 -5.08 12.67 0.69
CA PHE A 6 -5.10 11.23 0.94
C PHE A 6 -4.90 10.45 -0.36
N THR A 7 -5.22 11.09 -1.48
CA THR A 7 -5.08 10.46 -2.79
C THR A 7 -3.66 9.94 -3.00
N ASP A 8 -2.68 10.71 -2.54
CA ASP A 8 -1.28 10.31 -2.68
C ASP A 8 -0.97 9.10 -1.81
N ASN A 9 -1.43 9.14 -0.57
CA ASN A 9 -1.19 8.03 0.36
C ASN A 9 -1.95 6.79 -0.06
N TYR A 10 -3.17 6.99 -0.56
CA TYR A 10 -4.01 5.89 -1.01
C TYR A 10 -3.45 5.26 -2.27
N THR A 11 -3.05 6.10 -3.23
CA THR A 11 -2.50 5.63 -4.48
C THR A 11 -1.17 4.92 -4.28
N ARG A 12 -0.33 5.50 -3.42
CA ARG A 12 0.98 4.93 -3.13
C ARG A 12 0.84 3.67 -2.27
N LEU A 13 -0.18 3.66 -1.41
CA LEU A 13 -0.42 2.52 -0.52
C LEU A 13 -0.98 1.33 -1.31
N ARG A 14 -1.83 1.63 -2.28
CA ARG A 14 -2.43 0.58 -3.10
C ARG A 14 -1.37 -0.27 -3.77
N LYS A 15 -0.34 0.39 -4.32
CA LYS A 15 0.75 -0.31 -4.98
C LYS A 15 1.54 -1.16 -4.00
N GLN A 16 1.70 -0.65 -2.78
CA GLN A 16 2.44 -1.37 -1.75
C GLN A 16 1.84 -2.75 -1.52
N MET A 17 0.56 -2.89 -1.80
CA MET A 17 -0.14 -4.17 -1.63
C MET A 17 0.58 -5.28 -2.40
N ALA A 18 1.17 -4.92 -3.53
CA ALA A 18 1.89 -5.89 -4.36
C ALA A 18 3.09 -6.47 -3.61
N VAL A 19 3.93 -5.58 -3.09
CA VAL A 19 5.12 -5.99 -2.35
C VAL A 19 4.74 -6.63 -1.02
N LYS A 20 3.86 -5.96 -0.28
CA LYS A 20 3.42 -6.46 1.02
C LYS A 20 2.87 -7.88 0.90
N LYS A 21 2.28 -8.19 -0.25
CA LYS A 21 1.71 -9.51 -0.49
C LYS A 21 2.81 -10.58 -0.49
N TYR A 22 3.84 -10.35 -1.29
CA TYR A 22 4.95 -11.30 -1.37
C TYR A 22 5.81 -11.24 -0.12
N LEU A 23 6.22 -10.02 0.26
CA LEU A 23 7.04 -9.83 1.44
C LEU A 23 6.38 -10.42 2.68
N ASN A 24 5.05 -10.42 2.69
CA ASN A 24 4.30 -10.95 3.82
C ASN A 24 4.41 -12.48 3.87
N SER A 25 4.50 -13.09 2.70
CA SER A 25 4.61 -14.54 2.60
C SER A 25 6.03 -15.01 2.95
N ILE A 26 7.01 -14.18 2.62
CA ILE A 26 8.41 -14.50 2.89
C ILE A 26 8.90 -13.77 4.13
N LEU A 27 8.76 -12.46 4.14
CA LEU A 27 9.19 -11.63 5.27
C LEU A 27 8.36 -11.95 6.51
N ASN A 28 7.09 -12.30 6.30
CA ASN A 28 6.20 -12.62 7.40
C ASN A 28 5.67 -14.04 7.27
N GLY A 29 6.25 -14.80 6.35
CA GLY A 29 5.83 -16.18 6.14
C GLY A 29 6.97 -17.09 5.73
N HIS A 1 -10.90 9.41 8.21
CA HIS A 1 -10.26 10.58 7.63
C HIS A 1 -10.89 10.93 6.28
N SER A 2 -11.23 12.20 6.10
CA SER A 2 -11.84 12.67 4.86
C SER A 2 -11.00 13.78 4.23
N ASP A 3 -10.10 13.39 3.35
CA ASP A 3 -9.23 14.35 2.67
C ASP A 3 -9.12 14.04 1.18
N ALA A 4 -9.21 15.06 0.35
CA ALA A 4 -9.13 14.89 -1.10
C ALA A 4 -7.69 14.61 -1.52
N VAL A 5 -6.74 15.34 -0.93
CA VAL A 5 -5.34 15.16 -1.26
C VAL A 5 -4.85 13.77 -0.88
N PHE A 6 -5.39 13.24 0.22
CA PHE A 6 -5.00 11.91 0.68
C PHE A 6 -5.21 10.87 -0.42
N THR A 7 -6.09 11.19 -1.36
CA THR A 7 -6.38 10.28 -2.47
C THR A 7 -5.10 9.88 -3.20
N ASP A 8 -4.20 10.83 -3.37
CA ASP A 8 -2.94 10.58 -4.05
C ASP A 8 -2.05 9.65 -3.23
N ASN A 9 -1.97 9.91 -1.93
CA ASN A 9 -1.15 9.10 -1.04
C ASN A 9 -1.75 7.70 -0.88
N TYR A 10 -3.07 7.64 -0.81
CA TYR A 10 -3.77 6.36 -0.66
C TYR A 10 -3.64 5.52 -1.93
N THR A 11 -3.89 6.14 -3.07
CA THR A 11 -3.80 5.46 -4.35
C THR A 11 -2.38 4.98 -4.62
N ARG A 12 -1.40 5.84 -4.35
CA ARG A 12 0.00 5.49 -4.57
C ARG A 12 0.49 4.50 -3.52
N LEU A 13 0.03 4.69 -2.28
CA LEU A 13 0.41 3.81 -1.18
C LEU A 13 -0.09 2.40 -1.41
N ARG A 14 -1.22 2.27 -2.10
CA ARG A 14 -1.81 0.97 -2.39
C ARG A 14 -0.80 0.07 -3.08
N LYS A 15 0.18 0.67 -3.73
CA LYS A 15 1.21 -0.08 -4.44
C LYS A 15 2.14 -0.80 -3.46
N GLN A 16 2.42 -0.15 -2.33
CA GLN A 16 3.28 -0.72 -1.31
C GLN A 16 2.76 -2.08 -0.86
N MET A 17 1.45 -2.25 -0.93
CA MET A 17 0.83 -3.51 -0.52
C MET A 17 1.31 -4.67 -1.39
N ALA A 18 1.89 -4.33 -2.54
CA ALA A 18 2.40 -5.34 -3.46
C ALA A 18 3.55 -6.13 -2.83
N VAL A 19 4.49 -5.42 -2.22
CA VAL A 19 5.63 -6.06 -1.58
C VAL A 19 5.20 -6.81 -0.32
N LYS A 20 4.43 -6.13 0.53
CA LYS A 20 3.95 -6.73 1.77
C LYS A 20 3.24 -8.05 1.49
N LYS A 21 2.59 -8.13 0.33
CA LYS A 21 1.86 -9.33 -0.05
C LYS A 21 2.80 -10.52 -0.22
N TYR A 22 3.85 -10.32 -1.02
CA TYR A 22 4.83 -11.38 -1.27
C TYR A 22 5.72 -11.58 -0.05
N LEU A 23 6.26 -10.49 0.47
CA LEU A 23 7.14 -10.54 1.62
C LEU A 23 6.46 -11.27 2.78
N ASN A 24 5.14 -11.16 2.85
CA ASN A 24 4.37 -11.81 3.91
C ASN A 24 4.37 -13.32 3.72
N SER A 25 4.39 -13.77 2.47
CA SER A 25 4.38 -15.19 2.16
C SER A 25 5.77 -15.80 2.39
N ILE A 26 6.80 -15.02 2.11
CA ILE A 26 8.18 -15.48 2.28
C ILE A 26 8.76 -14.99 3.61
N LEU A 27 8.71 -13.68 3.83
CA LEU A 27 9.23 -13.09 5.05
C LEU A 27 8.41 -13.53 6.26
N ASN A 28 7.10 -13.72 6.05
CA ASN A 28 6.21 -14.14 7.12
C ASN A 28 5.55 -15.47 6.78
N GLY A 29 6.04 -16.12 5.73
CA GLY A 29 5.49 -17.39 5.32
C GLY A 29 5.09 -18.25 6.50
N HIS A 1 -8.83 24.00 -0.68
CA HIS A 1 -7.45 23.53 -0.56
C HIS A 1 -7.40 22.18 0.14
N SER A 2 -6.51 21.31 -0.33
CA SER A 2 -6.36 19.98 0.24
C SER A 2 -7.64 19.17 0.07
N ASP A 3 -8.27 19.30 -1.09
CA ASP A 3 -9.49 18.57 -1.38
C ASP A 3 -9.19 17.23 -2.04
N ALA A 4 -9.45 16.15 -1.32
CA ALA A 4 -9.20 14.81 -1.84
C ALA A 4 -7.71 14.57 -2.07
N VAL A 5 -6.88 15.31 -1.34
CA VAL A 5 -5.44 15.19 -1.46
C VAL A 5 -4.97 13.79 -1.02
N PHE A 6 -5.68 13.21 -0.07
CA PHE A 6 -5.34 11.90 0.44
C PHE A 6 -5.35 10.86 -0.68
N THR A 7 -6.09 11.16 -1.74
CA THR A 7 -6.19 10.25 -2.88
C THR A 7 -4.81 9.88 -3.41
N ASP A 8 -3.92 10.86 -3.46
CA ASP A 8 -2.56 10.63 -3.95
C ASP A 8 -1.79 9.73 -2.99
N ASN A 9 -1.91 10.00 -1.70
CA ASN A 9 -1.22 9.21 -0.68
C ASN A 9 -1.79 7.81 -0.61
N TYR A 10 -3.11 7.69 -0.78
CA TYR A 10 -3.77 6.39 -0.72
C TYR A 10 -3.45 5.57 -1.97
N THR A 11 -3.53 6.21 -3.13
CA THR A 11 -3.24 5.54 -4.39
C THR A 11 -1.82 5.01 -4.43
N ARG A 12 -0.88 5.81 -3.94
CA ARG A 12 0.52 5.43 -3.91
C ARG A 12 0.77 4.36 -2.85
N LEU A 13 -0.02 4.38 -1.80
CA LEU A 13 0.11 3.41 -0.71
C LEU A 13 -0.36 2.03 -1.15
N ARG A 14 -1.36 2.01 -2.03
CA ARG A 14 -1.92 0.76 -2.53
C ARG A 14 -0.83 -0.10 -3.18
N LYS A 15 0.22 0.56 -3.65
CA LYS A 15 1.34 -0.13 -4.29
C LYS A 15 2.13 -0.94 -3.28
N GLN A 16 2.28 -0.40 -2.07
CA GLN A 16 3.01 -1.08 -1.01
C GLN A 16 2.43 -2.47 -0.74
N MET A 17 1.10 -2.57 -0.85
CA MET A 17 0.43 -3.85 -0.61
C MET A 17 0.97 -4.93 -1.53
N ALA A 18 1.54 -4.52 -2.66
CA ALA A 18 2.10 -5.45 -3.62
C ALA A 18 3.29 -6.22 -3.02
N VAL A 19 4.24 -5.48 -2.46
CA VAL A 19 5.41 -6.07 -1.85
C VAL A 19 5.06 -6.80 -0.56
N LYS A 20 4.30 -6.13 0.29
CA LYS A 20 3.87 -6.71 1.57
C LYS A 20 3.18 -8.05 1.34
N LYS A 21 2.49 -8.19 0.21
CA LYS A 21 1.79 -9.43 -0.12
C LYS A 21 2.77 -10.58 -0.29
N TYR A 22 3.78 -10.39 -1.13
CA TYR A 22 4.78 -11.41 -1.38
C TYR A 22 5.72 -11.56 -0.18
N LEU A 23 6.25 -10.43 0.28
CA LEU A 23 7.17 -10.42 1.42
C LEU A 23 6.52 -11.08 2.63
N ASN A 24 5.21 -10.96 2.74
CA ASN A 24 4.47 -11.54 3.86
C ASN A 24 4.44 -13.06 3.75
N SER A 25 4.40 -13.56 2.52
CA SER A 25 4.36 -15.00 2.28
C SER A 25 5.75 -15.62 2.48
N ILE A 26 6.78 -14.86 2.16
CA ILE A 26 8.15 -15.33 2.30
C ILE A 26 8.79 -14.78 3.57
N LEU A 27 8.77 -13.46 3.72
CA LEU A 27 9.34 -12.82 4.90
C LEU A 27 8.56 -13.19 6.16
N ASN A 28 7.26 -13.36 6.00
CA ASN A 28 6.40 -13.71 7.13
C ASN A 28 5.73 -15.06 6.89
N GLY A 29 6.19 -15.78 5.88
CA GLY A 29 5.62 -17.08 5.57
C GLY A 29 6.65 -18.03 4.99
N HIS A 1 -9.64 14.68 8.68
CA HIS A 1 -9.70 14.68 7.22
C HIS A 1 -10.41 15.93 6.70
N SER A 2 -9.64 16.80 6.06
CA SER A 2 -10.20 18.04 5.51
C SER A 2 -10.32 17.96 3.99
N ASP A 3 -9.18 17.78 3.33
CA ASP A 3 -9.15 17.69 1.87
C ASP A 3 -9.02 16.24 1.42
N ALA A 4 -9.03 16.03 0.11
CA ALA A 4 -8.90 14.69 -0.44
C ALA A 4 -7.46 14.38 -0.81
N VAL A 5 -6.52 15.07 -0.17
CA VAL A 5 -5.11 14.87 -0.43
C VAL A 5 -4.69 13.43 -0.18
N PHE A 6 -5.32 12.81 0.82
CA PHE A 6 -5.02 11.43 1.16
C PHE A 6 -5.18 10.51 -0.04
N THR A 7 -5.98 10.96 -1.02
CA THR A 7 -6.22 10.19 -2.23
C THR A 7 -4.90 9.81 -2.91
N ASP A 8 -3.96 10.74 -2.92
CA ASP A 8 -2.66 10.51 -3.54
C ASP A 8 -1.86 9.46 -2.75
N ASN A 9 -1.86 9.59 -1.43
CA ASN A 9 -1.15 8.66 -0.57
C ASN A 9 -1.79 7.28 -0.61
N TYR A 10 -3.12 7.26 -0.63
CA TYR A 10 -3.86 6.00 -0.67
C TYR A 10 -3.66 5.28 -2.00
N THR A 11 -3.80 6.04 -3.09
CA THR A 11 -3.64 5.48 -4.42
C THR A 11 -2.21 4.97 -4.65
N ARG A 12 -1.24 5.77 -4.22
CA ARG A 12 0.16 5.40 -4.38
C ARG A 12 0.54 4.30 -3.38
N LEU A 13 0.01 4.38 -2.17
CA LEU A 13 0.29 3.38 -1.15
C LEU A 13 -0.14 2.00 -1.59
N ARG A 14 -1.21 1.94 -2.38
CA ARG A 14 -1.73 0.67 -2.88
C ARG A 14 -0.65 -0.10 -3.65
N LYS A 15 0.30 0.65 -4.21
CA LYS A 15 1.40 0.04 -4.97
C LYS A 15 2.34 -0.72 -4.05
N GLN A 16 2.56 -0.19 -2.86
CA GLN A 16 3.44 -0.82 -1.89
C GLN A 16 2.87 -2.14 -1.41
N MET A 17 1.53 -2.22 -1.38
CA MET A 17 0.86 -3.43 -0.94
C MET A 17 1.30 -4.64 -1.75
N ALA A 18 1.89 -4.38 -2.91
CA ALA A 18 2.37 -5.44 -3.78
C ALA A 18 3.49 -6.24 -3.11
N VAL A 19 4.49 -5.53 -2.59
CA VAL A 19 5.62 -6.16 -1.92
C VAL A 19 5.19 -6.78 -0.60
N LYS A 20 4.47 -6.01 0.20
CA LYS A 20 4.00 -6.48 1.50
C LYS A 20 3.22 -7.79 1.35
N LYS A 21 2.56 -7.95 0.22
CA LYS A 21 1.78 -9.16 -0.05
C LYS A 21 2.69 -10.38 -0.14
N TYR A 22 3.70 -10.30 -0.97
CA TYR A 22 4.64 -11.40 -1.16
C TYR A 22 5.56 -11.53 0.06
N LEU A 23 6.16 -10.41 0.46
CA LEU A 23 7.06 -10.40 1.61
C LEU A 23 6.39 -11.01 2.85
N ASN A 24 5.08 -10.83 2.95
CA ASN A 24 4.32 -11.36 4.07
C ASN A 24 4.22 -12.88 3.98
N SER A 25 4.16 -13.40 2.76
CA SER A 25 4.07 -14.83 2.54
C SER A 25 5.42 -15.51 2.74
N ILE A 26 6.48 -14.80 2.38
CA ILE A 26 7.83 -15.33 2.53
C ILE A 26 8.53 -14.77 3.76
N LEU A 27 8.57 -13.45 3.84
CA LEU A 27 9.19 -12.77 4.98
C LEU A 27 8.44 -13.06 6.27
N ASN A 28 7.14 -13.33 6.15
CA ASN A 28 6.30 -13.63 7.30
C ASN A 28 5.56 -14.94 7.11
N GLY A 29 5.92 -15.67 6.06
CA GLY A 29 5.27 -16.95 5.78
C GLY A 29 4.90 -17.68 7.04
N HIS A 1 -5.12 22.12 2.37
CA HIS A 1 -5.72 20.95 2.99
C HIS A 1 -7.20 20.83 2.63
N SER A 2 -7.76 19.65 2.84
CA SER A 2 -9.17 19.41 2.54
C SER A 2 -9.44 19.59 1.05
N ASP A 3 -8.44 19.28 0.23
CA ASP A 3 -8.57 19.41 -1.22
C ASP A 3 -8.58 18.03 -1.88
N ALA A 4 -8.68 16.99 -1.07
CA ALA A 4 -8.71 15.62 -1.59
C ALA A 4 -7.32 15.19 -2.06
N VAL A 5 -6.29 15.82 -1.52
CA VAL A 5 -4.92 15.50 -1.89
C VAL A 5 -4.53 14.10 -1.43
N PHE A 6 -5.15 13.65 -0.34
CA PHE A 6 -4.87 12.33 0.21
C PHE A 6 -5.07 11.25 -0.85
N THR A 7 -5.87 11.57 -1.86
CA THR A 7 -6.15 10.62 -2.94
C THR A 7 -4.87 10.11 -3.57
N ASP A 8 -3.90 11.01 -3.73
CA ASP A 8 -2.62 10.66 -4.33
C ASP A 8 -1.84 9.72 -3.41
N ASN A 9 -1.80 10.04 -2.12
CA ASN A 9 -1.09 9.23 -1.15
C ASN A 9 -1.78 7.88 -0.96
N TYR A 10 -3.09 7.89 -0.96
CA TYR A 10 -3.87 6.66 -0.79
C TYR A 10 -3.72 5.75 -2.01
N THR A 11 -3.87 6.34 -3.20
CA THR A 11 -3.76 5.59 -4.44
C THR A 11 -2.35 5.00 -4.60
N ARG A 12 -1.34 5.83 -4.32
CA ARG A 12 0.05 5.40 -4.44
C ARG A 12 0.41 4.44 -3.32
N LEU A 13 -0.11 4.70 -2.13
CA LEU A 13 0.16 3.86 -0.96
C LEU A 13 -0.37 2.45 -1.18
N ARG A 14 -1.47 2.34 -1.90
CA ARG A 14 -2.08 1.04 -2.18
C ARG A 14 -1.10 0.12 -2.88
N LYS A 15 -0.16 0.70 -3.62
CA LYS A 15 0.85 -0.07 -4.33
C LYS A 15 1.82 -0.72 -3.36
N GLN A 16 2.16 0.00 -2.29
CA GLN A 16 3.08 -0.52 -1.28
C GLN A 16 2.57 -1.81 -0.68
N MET A 17 1.25 -2.00 -0.72
CA MET A 17 0.64 -3.20 -0.18
C MET A 17 1.16 -4.45 -0.89
N ALA A 18 1.48 -4.32 -2.17
CA ALA A 18 1.99 -5.43 -2.95
C ALA A 18 3.15 -6.11 -2.24
N VAL A 19 3.98 -5.32 -1.56
CA VAL A 19 5.12 -5.85 -0.83
C VAL A 19 4.68 -6.84 0.24
N LYS A 20 3.67 -6.45 1.02
CA LYS A 20 3.15 -7.30 2.08
C LYS A 20 2.77 -8.68 1.54
N LYS A 21 2.33 -8.72 0.29
CA LYS A 21 1.93 -9.96 -0.35
C LYS A 21 3.12 -10.91 -0.48
N TYR A 22 4.20 -10.41 -1.08
CA TYR A 22 5.41 -11.22 -1.27
C TYR A 22 6.13 -11.42 0.05
N LEU A 23 6.36 -10.32 0.77
CA LEU A 23 7.05 -10.38 2.06
C LEU A 23 6.39 -11.39 2.99
N ASN A 24 5.07 -11.52 2.87
CA ASN A 24 4.32 -12.46 3.71
C ASN A 24 4.62 -13.90 3.30
N SER A 25 4.87 -14.11 2.02
CA SER A 25 5.17 -15.44 1.51
C SER A 25 6.60 -15.85 1.84
N ILE A 26 7.50 -14.87 1.86
CA ILE A 26 8.90 -15.11 2.16
C ILE A 26 9.23 -14.71 3.59
N LEU A 27 8.94 -13.46 3.93
CA LEU A 27 9.21 -12.94 5.27
C LEU A 27 8.36 -13.68 6.31
N ASN A 28 7.21 -14.18 5.89
CA ASN A 28 6.31 -14.91 6.78
C ASN A 28 5.98 -16.28 6.21
N GLY A 29 6.67 -16.66 5.14
CA GLY A 29 6.42 -17.95 4.51
C GLY A 29 7.69 -18.56 3.93
N HIS A 1 -12.32 11.03 8.20
CA HIS A 1 -11.59 12.23 7.80
C HIS A 1 -10.91 12.03 6.45
N SER A 2 -11.66 12.28 5.38
CA SER A 2 -11.12 12.12 4.03
C SER A 2 -10.65 13.46 3.46
N ASP A 3 -9.79 13.39 2.45
CA ASP A 3 -9.27 14.60 1.82
C ASP A 3 -8.84 14.33 0.39
N ALA A 4 -9.01 15.32 -0.48
CA ALA A 4 -8.65 15.18 -1.89
C ALA A 4 -7.17 14.81 -2.03
N VAL A 5 -6.36 15.23 -1.07
CA VAL A 5 -4.93 14.95 -1.09
C VAL A 5 -4.66 13.49 -0.75
N PHE A 6 -5.54 12.90 0.04
CA PHE A 6 -5.40 11.50 0.45
C PHE A 6 -5.28 10.60 -0.77
N THR A 7 -5.78 11.07 -1.91
CA THR A 7 -5.73 10.31 -3.15
C THR A 7 -4.31 9.89 -3.48
N ASP A 8 -3.36 10.78 -3.24
CA ASP A 8 -1.96 10.51 -3.51
C ASP A 8 -1.42 9.43 -2.57
N ASN A 9 -1.75 9.56 -1.29
CA ASN A 9 -1.30 8.61 -0.28
C ASN A 9 -1.96 7.25 -0.49
N TYR A 10 -3.24 7.27 -0.85
CA TYR A 10 -3.99 6.05 -1.08
C TYR A 10 -3.49 5.31 -2.31
N THR A 11 -3.27 6.06 -3.39
CA THR A 11 -2.79 5.49 -4.64
C THR A 11 -1.37 4.96 -4.48
N ARG A 12 -0.52 5.71 -3.80
CA ARG A 12 0.87 5.32 -3.57
C ARG A 12 0.95 4.22 -2.52
N LEU A 13 0.07 4.28 -1.53
CA LEU A 13 0.05 3.30 -0.46
C LEU A 13 -0.53 1.97 -0.94
N ARG A 14 -1.59 2.05 -1.73
CA ARG A 14 -2.24 0.86 -2.27
C ARG A 14 -1.24 0.00 -3.04
N LYS A 15 -0.22 0.65 -3.60
CA LYS A 15 0.81 -0.04 -4.37
C LYS A 15 1.69 -0.88 -3.45
N GLN A 16 1.95 -0.36 -2.26
CA GLN A 16 2.79 -1.06 -1.29
C GLN A 16 2.23 -2.45 -1.00
N MET A 17 0.92 -2.58 -1.06
CA MET A 17 0.26 -3.86 -0.79
C MET A 17 0.83 -4.95 -1.69
N ALA A 18 1.39 -4.55 -2.82
CA ALA A 18 1.97 -5.50 -3.77
C ALA A 18 3.17 -6.22 -3.15
N VAL A 19 4.11 -5.44 -2.61
CA VAL A 19 5.29 -6.01 -1.98
C VAL A 19 4.95 -6.72 -0.68
N LYS A 20 4.17 -6.05 0.17
CA LYS A 20 3.76 -6.62 1.44
C LYS A 20 3.10 -7.98 1.26
N LYS A 21 2.42 -8.15 0.13
CA LYS A 21 1.74 -9.40 -0.17
C LYS A 21 2.75 -10.54 -0.32
N TYR A 22 3.74 -10.33 -1.16
CA TYR A 22 4.77 -11.35 -1.39
C TYR A 22 5.71 -11.45 -0.20
N LEU A 23 6.23 -10.30 0.24
CA LEU A 23 7.13 -10.25 1.38
C LEU A 23 6.51 -10.89 2.61
N ASN A 24 5.19 -10.80 2.72
CA ASN A 24 4.46 -11.37 3.84
C ASN A 24 4.46 -12.90 3.77
N SER A 25 4.44 -13.43 2.55
CA SER A 25 4.44 -14.87 2.35
C SER A 25 5.83 -15.46 2.56
N ILE A 26 6.85 -14.68 2.21
CA ILE A 26 8.23 -15.11 2.37
C ILE A 26 8.85 -14.53 3.63
N LEU A 27 8.80 -13.20 3.75
CA LEU A 27 9.37 -12.52 4.91
C LEU A 27 8.59 -12.88 6.18
N ASN A 28 7.29 -13.08 6.03
CA ASN A 28 6.43 -13.43 7.16
C ASN A 28 5.80 -14.80 6.96
N GLY A 29 6.28 -15.53 5.95
CA GLY A 29 5.74 -16.85 5.67
C GLY A 29 6.78 -17.79 5.11
N HIS A 1 -11.01 12.59 6.41
CA HIS A 1 -12.46 12.68 6.32
C HIS A 1 -12.88 13.56 5.13
N SER A 2 -13.25 12.92 4.02
CA SER A 2 -13.66 13.65 2.84
C SER A 2 -12.52 14.50 2.30
N ASP A 3 -11.29 14.01 2.46
CA ASP A 3 -10.11 14.71 1.99
C ASP A 3 -9.85 14.41 0.51
N ALA A 4 -9.01 15.22 -0.11
CA ALA A 4 -8.66 15.03 -1.52
C ALA A 4 -7.19 14.66 -1.67
N VAL A 5 -6.33 15.28 -0.87
CA VAL A 5 -4.90 15.02 -0.92
C VAL A 5 -4.61 13.55 -0.60
N PHE A 6 -5.42 12.97 0.27
CA PHE A 6 -5.24 11.58 0.66
C PHE A 6 -5.24 10.67 -0.56
N THR A 7 -5.85 11.14 -1.64
CA THR A 7 -5.92 10.37 -2.88
C THR A 7 -4.52 9.94 -3.34
N ASP A 8 -3.55 10.82 -3.18
CA ASP A 8 -2.17 10.53 -3.58
C ASP A 8 -1.57 9.45 -2.68
N ASN A 9 -1.78 9.59 -1.38
CA ASN A 9 -1.25 8.63 -0.41
C ASN A 9 -1.96 7.28 -0.56
N TYR A 10 -3.26 7.32 -0.79
CA TYR A 10 -4.04 6.10 -0.94
C TYR A 10 -3.66 5.36 -2.23
N THR A 11 -3.56 6.11 -3.33
CA THR A 11 -3.21 5.52 -4.61
C THR A 11 -1.79 4.97 -4.59
N ARG A 12 -0.87 5.74 -4.02
CA ARG A 12 0.53 5.31 -3.93
C ARG A 12 0.69 4.21 -2.89
N LEU A 13 0.00 4.34 -1.77
CA LEU A 13 0.07 3.34 -0.70
C LEU A 13 -0.47 2.00 -1.17
N ARG A 14 -1.47 2.03 -2.03
CA ARG A 14 -2.07 0.82 -2.55
C ARG A 14 -1.02 -0.05 -3.25
N LYS A 15 -0.02 0.59 -3.84
CA LYS A 15 1.05 -0.12 -4.53
C LYS A 15 1.93 -0.87 -3.54
N GLN A 16 2.17 -0.26 -2.38
CA GLN A 16 2.99 -0.87 -1.35
C GLN A 16 2.46 -2.24 -0.95
N MET A 17 1.15 -2.43 -1.13
CA MET A 17 0.50 -3.69 -0.80
C MET A 17 1.04 -4.83 -1.65
N ALA A 18 1.63 -4.48 -2.81
CA ALA A 18 2.19 -5.46 -3.72
C ALA A 18 3.35 -6.21 -3.06
N VAL A 19 4.29 -5.46 -2.51
CA VAL A 19 5.46 -6.04 -1.86
C VAL A 19 5.06 -6.74 -0.56
N LYS A 20 4.28 -6.05 0.27
CA LYS A 20 3.83 -6.60 1.53
C LYS A 20 3.15 -7.95 1.34
N LYS A 21 2.49 -8.11 0.20
CA LYS A 21 1.80 -9.35 -0.13
C LYS A 21 2.78 -10.51 -0.24
N TYR A 22 3.81 -10.33 -1.06
CA TYR A 22 4.82 -11.37 -1.27
C TYR A 22 5.73 -11.48 -0.05
N LEU A 23 6.26 -10.35 0.40
CA LEU A 23 7.14 -10.31 1.55
C LEU A 23 6.49 -10.97 2.76
N ASN A 24 5.17 -10.81 2.88
CA ASN A 24 4.43 -11.38 3.99
C ASN A 24 4.36 -12.91 3.86
N SER A 25 4.32 -13.38 2.62
CA SER A 25 4.24 -14.82 2.37
C SER A 25 5.61 -15.47 2.55
N ILE A 26 6.67 -14.75 2.20
CA ILE A 26 8.02 -15.26 2.33
C ILE A 26 8.70 -14.70 3.57
N LEU A 27 8.72 -13.37 3.69
CA LEU A 27 9.34 -12.71 4.83
C LEU A 27 8.60 -13.05 6.12
N ASN A 28 7.31 -13.35 5.99
CA ASN A 28 6.48 -13.69 7.14
C ASN A 28 5.78 -15.02 6.93
N GLY A 29 6.14 -15.72 5.86
CA GLY A 29 5.52 -17.00 5.55
C GLY A 29 5.17 -17.79 6.81
N HIS A 1 -14.59 7.65 2.28
CA HIS A 1 -13.67 8.74 2.60
C HIS A 1 -12.61 8.88 1.51
N SER A 2 -13.04 8.84 0.26
CA SER A 2 -12.12 8.96 -0.86
C SER A 2 -12.05 10.40 -1.35
N ASP A 3 -11.18 11.19 -0.72
CA ASP A 3 -11.00 12.60 -1.09
C ASP A 3 -10.35 12.72 -2.46
N ALA A 4 -10.22 13.95 -2.93
CA ALA A 4 -9.61 14.21 -4.23
C ALA A 4 -8.09 14.10 -4.16
N VAL A 5 -7.49 14.85 -3.24
CA VAL A 5 -6.05 14.84 -3.07
C VAL A 5 -5.58 13.53 -2.43
N PHE A 6 -6.42 12.97 -1.56
CA PHE A 6 -6.08 11.73 -0.89
C PHE A 6 -5.81 10.62 -1.89
N THR A 7 -6.35 10.77 -3.10
CA THR A 7 -6.17 9.78 -4.16
C THR A 7 -4.69 9.48 -4.38
N ASP A 8 -3.87 10.53 -4.34
CA ASP A 8 -2.43 10.38 -4.55
C ASP A 8 -1.80 9.62 -3.38
N ASN A 9 -2.20 9.98 -2.16
CA ASN A 9 -1.66 9.32 -0.97
C ASN A 9 -2.14 7.88 -0.89
N TYR A 10 -3.38 7.65 -1.29
CA TYR A 10 -3.96 6.31 -1.24
C TYR A 10 -3.36 5.42 -2.33
N THR A 11 -3.25 5.96 -3.54
CA THR A 11 -2.69 5.23 -4.66
C THR A 11 -1.24 4.81 -4.38
N ARG A 12 -0.48 5.72 -3.79
CA ARG A 12 0.92 5.46 -3.47
C ARG A 12 1.03 4.49 -2.29
N LEU A 13 0.03 4.53 -1.41
CA LEU A 13 0.03 3.65 -0.24
C LEU A 13 -0.29 2.21 -0.64
N ARG A 14 -1.10 2.05 -1.69
CA ARG A 14 -1.46 0.73 -2.16
C ARG A 14 -0.23 -0.09 -2.51
N LYS A 15 0.86 0.60 -2.82
CA LYS A 15 2.12 -0.07 -3.17
C LYS A 15 2.74 -0.74 -1.96
N GLN A 16 2.61 -0.09 -0.80
CA GLN A 16 3.16 -0.63 0.44
C GLN A 16 2.55 -1.99 0.76
N MET A 17 1.22 -2.08 0.65
CA MET A 17 0.52 -3.33 0.94
C MET A 17 0.79 -4.36 -0.16
N ALA A 18 1.16 -3.88 -1.34
CA ALA A 18 1.45 -4.76 -2.47
C ALA A 18 2.66 -5.64 -2.18
N VAL A 19 3.76 -5.02 -1.76
CA VAL A 19 4.98 -5.76 -1.45
C VAL A 19 4.81 -6.59 -0.18
N LYS A 20 4.28 -5.96 0.86
CA LYS A 20 4.06 -6.63 2.13
C LYS A 20 3.24 -7.91 1.94
N LYS A 21 2.35 -7.89 0.96
CA LYS A 21 1.50 -9.03 0.67
C LYS A 21 2.34 -10.22 0.22
N TYR A 22 3.18 -10.01 -0.79
CA TYR A 22 4.04 -11.06 -1.32
C TYR A 22 5.17 -11.37 -0.36
N LEU A 23 5.87 -10.33 0.09
CA LEU A 23 6.98 -10.50 1.02
C LEU A 23 6.55 -11.29 2.24
N ASN A 24 5.28 -11.15 2.62
CA ASN A 24 4.74 -11.86 3.78
C ASN A 24 4.63 -13.35 3.50
N SER A 25 4.34 -13.70 2.24
CA SER A 25 4.21 -15.10 1.85
C SER A 25 5.58 -15.76 1.72
N ILE A 26 6.57 -14.98 1.30
CA ILE A 26 7.93 -15.49 1.13
C ILE A 26 8.80 -15.11 2.32
N LEU A 27 8.87 -13.82 2.60
CA LEU A 27 9.67 -13.32 3.71
C LEU A 27 9.14 -13.82 5.05
N ASN A 28 7.82 -14.00 5.12
CA ASN A 28 7.17 -14.47 6.33
C ASN A 28 6.41 -15.77 6.08
N GLY A 29 6.64 -16.36 4.90
CA GLY A 29 5.97 -17.60 4.56
C GLY A 29 4.52 -17.39 4.19
N HIS A 1 -10.41 14.58 8.84
CA HIS A 1 -10.34 14.56 7.38
C HIS A 1 -10.90 15.85 6.79
N SER A 2 -10.04 16.61 6.12
CA SER A 2 -10.45 17.87 5.50
C SER A 2 -10.11 17.89 4.02
N ASP A 3 -8.81 17.85 3.72
CA ASP A 3 -8.35 17.86 2.34
C ASP A 3 -8.37 16.45 1.74
N ALA A 4 -8.48 16.37 0.42
CA ALA A 4 -8.51 15.09 -0.27
C ALA A 4 -7.11 14.68 -0.72
N VAL A 5 -6.10 15.29 -0.13
CA VAL A 5 -4.71 14.98 -0.47
C VAL A 5 -4.39 13.52 -0.20
N PHE A 6 -5.11 12.92 0.73
CA PHE A 6 -4.90 11.52 1.09
C PHE A 6 -5.01 10.63 -0.14
N THR A 7 -5.72 11.12 -1.16
CA THR A 7 -5.91 10.37 -2.40
C THR A 7 -4.56 9.94 -2.99
N ASP A 8 -3.58 10.82 -2.91
CA ASP A 8 -2.25 10.53 -3.43
C ASP A 8 -1.57 9.43 -2.61
N ASN A 9 -1.66 9.56 -1.29
CA ASN A 9 -1.05 8.58 -0.39
C ASN A 9 -1.76 7.24 -0.49
N TYR A 10 -3.08 7.29 -0.60
CA TYR A 10 -3.88 6.07 -0.71
C TYR A 10 -3.63 5.36 -2.03
N THR A 11 -3.63 6.12 -3.12
CA THR A 11 -3.41 5.57 -4.45
C THR A 11 -2.00 5.00 -4.57
N ARG A 12 -1.02 5.73 -4.06
CA ARG A 12 0.37 5.31 -4.11
C ARG A 12 0.62 4.17 -3.14
N LEU A 13 0.03 4.27 -1.95
CA LEU A 13 0.19 3.26 -0.92
C LEU A 13 -0.41 1.93 -1.36
N ARG A 14 -1.48 2.01 -2.13
CA ARG A 14 -2.16 0.81 -2.63
C ARG A 14 -1.20 -0.07 -3.43
N LYS A 15 -0.31 0.58 -4.17
CA LYS A 15 0.67 -0.14 -4.98
C LYS A 15 1.66 -0.89 -4.10
N GLN A 16 2.02 -0.29 -2.99
CA GLN A 16 2.97 -0.90 -2.06
C GLN A 16 2.47 -2.28 -1.60
N MET A 17 1.15 -2.46 -1.64
CA MET A 17 0.55 -3.72 -1.23
C MET A 17 1.15 -4.88 -2.02
N ALA A 18 1.79 -4.57 -3.14
CA ALA A 18 2.41 -5.59 -3.97
C ALA A 18 3.53 -6.31 -3.23
N VAL A 19 4.43 -5.53 -2.64
CA VAL A 19 5.55 -6.09 -1.90
C VAL A 19 5.09 -6.75 -0.61
N LYS A 20 4.25 -6.04 0.14
CA LYS A 20 3.73 -6.56 1.41
C LYS A 20 3.07 -7.92 1.20
N LYS A 21 2.50 -8.13 0.01
CA LYS A 21 1.84 -9.39 -0.31
C LYS A 21 2.84 -10.53 -0.35
N TYR A 22 3.90 -10.36 -1.12
CA TYR A 22 4.94 -11.38 -1.25
C TYR A 22 5.78 -11.45 0.03
N LEU A 23 6.26 -10.31 0.48
CA LEU A 23 7.09 -10.24 1.68
C LEU A 23 6.39 -10.92 2.85
N ASN A 24 5.06 -10.88 2.85
CA ASN A 24 4.27 -11.49 3.92
C ASN A 24 4.33 -13.01 3.84
N SER A 25 4.42 -13.52 2.61
CA SER A 25 4.48 -14.96 2.38
C SER A 25 5.88 -15.51 2.69
N ILE A 26 6.89 -14.67 2.46
CA ILE A 26 8.27 -15.06 2.71
C ILE A 26 8.77 -14.46 4.03
N LEU A 27 8.69 -13.14 4.14
CA LEU A 27 9.14 -12.44 5.34
C LEU A 27 8.29 -12.83 6.55
N ASN A 28 7.01 -13.11 6.30
CA ASN A 28 6.10 -13.50 7.37
C ASN A 28 5.55 -14.91 7.13
N GLY A 29 6.17 -15.63 6.20
CA GLY A 29 5.74 -16.98 5.90
C GLY A 29 5.75 -17.88 7.11
N HIS A 1 -13.57 9.36 4.83
CA HIS A 1 -13.51 10.60 4.08
C HIS A 1 -12.47 11.55 4.67
N SER A 2 -11.32 10.98 5.06
CA SER A 2 -10.25 11.77 5.65
C SER A 2 -10.08 13.09 4.91
N ASP A 3 -9.78 13.01 3.62
CA ASP A 3 -9.59 14.20 2.80
C ASP A 3 -9.53 13.85 1.31
N ALA A 4 -9.35 14.86 0.47
CA ALA A 4 -9.28 14.65 -0.96
C ALA A 4 -7.85 14.39 -1.41
N VAL A 5 -6.91 15.16 -0.87
CA VAL A 5 -5.50 15.02 -1.20
C VAL A 5 -5.00 13.62 -0.85
N PHE A 6 -5.51 13.08 0.25
CA PHE A 6 -5.11 11.75 0.70
C PHE A 6 -5.31 10.72 -0.40
N THR A 7 -6.19 11.02 -1.35
CA THR A 7 -6.47 10.12 -2.45
C THR A 7 -5.20 9.75 -3.20
N ASP A 8 -4.31 10.71 -3.37
CA ASP A 8 -3.05 10.48 -4.06
C ASP A 8 -2.14 9.57 -3.25
N ASN A 9 -2.05 9.82 -1.95
CA ASN A 9 -1.22 9.01 -1.06
C ASN A 9 -1.79 7.61 -0.91
N TYR A 10 -3.11 7.52 -0.83
CA TYR A 10 -3.79 6.23 -0.69
C TYR A 10 -3.64 5.40 -1.96
N THR A 11 -3.90 6.03 -3.10
CA THR A 11 -3.79 5.34 -4.38
C THR A 11 -2.36 4.90 -4.66
N ARG A 12 -1.41 5.78 -4.40
CA ARG A 12 -0.01 5.47 -4.62
C ARG A 12 0.51 4.49 -3.56
N LEU A 13 0.06 4.67 -2.33
CA LEU A 13 0.48 3.81 -1.23
C LEU A 13 0.05 2.37 -1.49
N ARG A 14 -1.08 2.20 -2.16
CA ARG A 14 -1.59 0.87 -2.47
C ARG A 14 -0.57 0.06 -3.25
N LYS A 15 0.33 0.75 -3.94
CA LYS A 15 1.37 0.10 -4.73
C LYS A 15 2.40 -0.58 -3.83
N GLN A 16 2.70 0.05 -2.70
CA GLN A 16 3.67 -0.50 -1.76
C GLN A 16 3.11 -1.75 -1.08
N MET A 17 1.79 -1.81 -0.98
CA MET A 17 1.14 -2.97 -0.35
C MET A 17 1.45 -4.25 -1.11
N ALA A 18 1.92 -4.10 -2.34
CA ALA A 18 2.26 -5.26 -3.16
C ALA A 18 3.41 -6.05 -2.55
N VAL A 19 4.36 -5.33 -1.95
CA VAL A 19 5.52 -5.96 -1.32
C VAL A 19 5.11 -6.74 -0.08
N LYS A 20 4.36 -6.08 0.79
CA LYS A 20 3.90 -6.72 2.03
C LYS A 20 3.17 -8.02 1.74
N LYS A 21 2.51 -8.08 0.58
CA LYS A 21 1.78 -9.28 0.19
C LYS A 21 2.72 -10.45 -0.04
N TYR A 22 3.74 -10.24 -0.85
CA TYR A 22 4.71 -11.29 -1.15
C TYR A 22 5.63 -11.53 0.05
N LEU A 23 6.18 -10.45 0.59
CA LEU A 23 7.08 -10.53 1.73
C LEU A 23 6.42 -11.31 2.87
N ASN A 24 5.11 -11.16 3.00
CA ASN A 24 4.36 -11.85 4.05
C ASN A 24 4.30 -13.35 3.79
N SER A 25 4.26 -13.71 2.51
CA SER A 25 4.20 -15.13 2.12
C SER A 25 5.57 -15.79 2.25
N ILE A 26 6.62 -15.02 1.98
CA ILE A 26 7.98 -15.52 2.07
C ILE A 26 8.65 -15.08 3.36
N LEU A 27 8.67 -13.78 3.60
CA LEU A 27 9.27 -13.23 4.82
C LEU A 27 8.52 -13.69 6.06
N ASN A 28 7.22 -13.97 5.90
CA ASN A 28 6.39 -14.41 7.00
C ASN A 28 5.69 -15.72 6.66
N GLY A 29 6.06 -16.32 5.53
CA GLY A 29 5.45 -17.56 5.10
C GLY A 29 5.10 -18.47 6.27
N HIS A 1 -7.29 21.20 -5.55
CA HIS A 1 -6.43 21.44 -4.40
C HIS A 1 -7.15 21.08 -3.10
N SER A 2 -8.33 21.65 -2.91
CA SER A 2 -9.11 21.39 -1.70
C SER A 2 -10.24 20.40 -1.99
N ASP A 3 -9.98 19.48 -2.91
CA ASP A 3 -10.96 18.47 -3.27
C ASP A 3 -10.64 17.12 -2.61
N ALA A 4 -9.42 16.65 -2.80
CA ALA A 4 -8.99 15.38 -2.22
C ALA A 4 -7.51 15.13 -2.49
N VAL A 5 -6.69 15.29 -1.46
CA VAL A 5 -5.25 15.08 -1.58
C VAL A 5 -4.87 13.66 -1.18
N PHE A 6 -5.60 13.11 -0.21
CA PHE A 6 -5.33 11.76 0.27
C PHE A 6 -5.37 10.75 -0.88
N THR A 7 -6.05 11.12 -1.96
CA THR A 7 -6.16 10.25 -3.12
C THR A 7 -4.78 9.84 -3.64
N ASP A 8 -3.84 10.78 -3.61
CA ASP A 8 -2.49 10.52 -4.07
C ASP A 8 -1.78 9.54 -3.13
N ASN A 9 -1.91 9.77 -1.83
CA ASN A 9 -1.28 8.91 -0.84
C ASN A 9 -1.92 7.53 -0.83
N TYR A 10 -3.25 7.49 -0.99
CA TYR A 10 -3.97 6.24 -1.01
C TYR A 10 -3.63 5.41 -2.24
N THR A 11 -3.63 6.08 -3.39
CA THR A 11 -3.32 5.41 -4.66
C THR A 11 -1.88 4.93 -4.68
N ARG A 12 -0.96 5.79 -4.24
CA ARG A 12 0.45 5.45 -4.22
C ARG A 12 0.75 4.44 -3.11
N LEU A 13 0.08 4.61 -1.97
CA LEU A 13 0.28 3.71 -0.84
C LEU A 13 -0.24 2.32 -1.15
N ARG A 14 -1.29 2.24 -1.96
CA ARG A 14 -1.88 0.96 -2.34
C ARG A 14 -0.83 0.06 -3.00
N LYS A 15 0.06 0.66 -3.77
CA LYS A 15 1.11 -0.08 -4.46
C LYS A 15 2.09 -0.67 -3.46
N GLN A 16 2.39 0.08 -2.40
CA GLN A 16 3.32 -0.38 -1.37
C GLN A 16 2.83 -1.67 -0.72
N MET A 17 1.52 -1.74 -0.49
CA MET A 17 0.91 -2.92 0.12
C MET A 17 1.27 -4.18 -0.66
N ALA A 18 1.44 -4.04 -1.97
CA ALA A 18 1.79 -5.17 -2.82
C ALA A 18 2.98 -5.94 -2.26
N VAL A 19 3.93 -5.21 -1.67
CA VAL A 19 5.12 -5.82 -1.09
C VAL A 19 4.75 -6.73 0.08
N LYS A 20 3.90 -6.23 0.97
CA LYS A 20 3.47 -6.98 2.14
C LYS A 20 2.90 -8.35 1.72
N LYS A 21 2.29 -8.38 0.55
CA LYS A 21 1.70 -9.61 0.03
C LYS A 21 2.77 -10.66 -0.21
N TYR A 22 3.79 -10.29 -0.98
CA TYR A 22 4.88 -11.20 -1.29
C TYR A 22 5.78 -11.42 -0.08
N LEU A 23 6.20 -10.33 0.54
CA LEU A 23 7.06 -10.40 1.72
C LEU A 23 6.44 -11.28 2.79
N ASN A 24 5.12 -11.27 2.86
CA ASN A 24 4.41 -12.08 3.85
C ASN A 24 4.47 -13.56 3.48
N SER A 25 4.49 -13.85 2.19
CA SER A 25 4.53 -15.22 1.72
C SER A 25 5.95 -15.79 1.83
N ILE A 26 6.93 -14.89 1.83
CA ILE A 26 8.33 -15.29 1.93
C ILE A 26 8.94 -14.84 3.26
N LEU A 27 8.86 -13.54 3.52
CA LEU A 27 9.40 -12.98 4.76
C LEU A 27 8.66 -13.54 5.98
N ASN A 28 7.41 -13.92 5.78
CA ASN A 28 6.60 -14.47 6.86
C ASN A 28 6.13 -15.88 6.52
N GLY A 29 6.66 -16.43 5.44
CA GLY A 29 6.29 -17.78 5.03
C GLY A 29 7.29 -18.82 5.48
N HIS A 1 -13.39 9.34 7.46
CA HIS A 1 -11.99 9.07 7.74
C HIS A 1 -11.12 9.44 6.55
N SER A 2 -11.50 8.97 5.36
CA SER A 2 -10.76 9.25 4.15
C SER A 2 -10.70 10.75 3.87
N ASP A 3 -9.85 11.15 2.93
CA ASP A 3 -9.72 12.56 2.58
C ASP A 3 -9.42 12.72 1.09
N ALA A 4 -10.01 13.73 0.48
CA ALA A 4 -9.81 14.00 -0.94
C ALA A 4 -8.33 13.94 -1.30
N VAL A 5 -7.49 14.53 -0.46
CA VAL A 5 -6.05 14.56 -0.70
C VAL A 5 -5.43 13.20 -0.39
N PHE A 6 -5.95 12.52 0.63
CA PHE A 6 -5.44 11.22 1.03
C PHE A 6 -5.48 10.24 -0.16
N THR A 7 -6.33 10.53 -1.13
CA THR A 7 -6.47 9.70 -2.31
C THR A 7 -5.13 9.48 -2.99
N ASP A 8 -4.32 10.54 -3.04
CA ASP A 8 -3.00 10.47 -3.67
C ASP A 8 -2.07 9.58 -2.86
N ASN A 9 -2.08 9.77 -1.54
CA ASN A 9 -1.22 8.98 -0.66
C ASN A 9 -1.67 7.52 -0.63
N TYR A 10 -2.98 7.31 -0.65
CA TYR A 10 -3.53 5.95 -0.63
C TYR A 10 -3.28 5.24 -1.95
N THR A 11 -3.56 5.93 -3.05
CA THR A 11 -3.38 5.36 -4.38
C THR A 11 -1.91 5.02 -4.63
N ARG A 12 -1.03 5.93 -4.22
CA ARG A 12 0.40 5.72 -4.40
C ARG A 12 0.93 4.67 -3.43
N LEU A 13 0.41 4.67 -2.21
CA LEU A 13 0.82 3.72 -1.19
C LEU A 13 0.27 2.32 -1.49
N ARG A 14 -0.91 2.28 -2.11
CA ARG A 14 -1.55 1.03 -2.45
C ARG A 14 -0.63 0.15 -3.29
N LYS A 15 0.32 0.79 -3.98
CA LYS A 15 1.27 0.08 -4.82
C LYS A 15 2.26 -0.72 -3.97
N GLN A 16 2.65 -0.14 -2.83
CA GLN A 16 3.58 -0.81 -1.93
C GLN A 16 2.99 -2.10 -1.38
N MET A 17 1.67 -2.15 -1.28
CA MET A 17 0.98 -3.33 -0.77
C MET A 17 1.33 -4.55 -1.61
N ALA A 18 1.85 -4.32 -2.81
CA ALA A 18 2.22 -5.42 -3.70
C ALA A 18 3.35 -6.26 -3.10
N VAL A 19 4.40 -5.59 -2.66
CA VAL A 19 5.54 -6.28 -2.07
C VAL A 19 5.18 -6.88 -0.71
N LYS A 20 4.55 -6.06 0.13
CA LYS A 20 4.14 -6.51 1.46
C LYS A 20 3.30 -7.78 1.37
N LYS A 21 2.54 -7.91 0.30
CA LYS A 21 1.69 -9.08 0.09
C LYS A 21 2.53 -10.35 -0.05
N TYR A 22 3.51 -10.32 -0.95
CA TYR A 22 4.37 -11.47 -1.17
C TYR A 22 5.36 -11.63 -0.02
N LEU A 23 6.04 -10.54 0.33
CA LEU A 23 7.02 -10.57 1.41
C LEU A 23 6.40 -11.12 2.69
N ASN A 24 5.10 -10.90 2.86
CA ASN A 24 4.38 -11.39 4.04
C ASN A 24 4.24 -12.90 4.00
N SER A 25 4.12 -13.45 2.80
CA SER A 25 3.97 -14.90 2.63
C SER A 25 5.32 -15.60 2.79
N ILE A 26 6.39 -14.92 2.38
CA ILE A 26 7.72 -15.48 2.48
C ILE A 26 8.46 -14.92 3.69
N LEU A 27 8.55 -13.60 3.77
CA LEU A 27 9.22 -12.94 4.88
C LEU A 27 8.49 -13.19 6.19
N ASN A 28 7.16 -13.30 6.12
CA ASN A 28 6.35 -13.54 7.30
C ASN A 28 5.58 -14.85 7.17
N GLY A 29 5.94 -15.64 6.17
CA GLY A 29 5.27 -16.91 5.94
C GLY A 29 6.20 -17.96 5.36
N HIS A 1 -8.63 11.75 8.36
CA HIS A 1 -9.64 12.49 7.60
C HIS A 1 -9.34 12.42 6.11
N SER A 2 -10.23 11.76 5.36
CA SER A 2 -10.05 11.63 3.91
C SER A 2 -10.16 12.99 3.23
N ASP A 3 -9.62 13.07 2.02
CA ASP A 3 -9.66 14.31 1.25
C ASP A 3 -9.10 14.09 -0.15
N ALA A 4 -9.51 14.95 -1.08
CA ALA A 4 -9.05 14.86 -2.46
C ALA A 4 -7.54 14.65 -2.53
N VAL A 5 -6.82 15.33 -1.63
CA VAL A 5 -5.37 15.22 -1.60
C VAL A 5 -4.93 13.82 -1.14
N PHE A 6 -5.69 13.25 -0.22
CA PHE A 6 -5.38 11.92 0.30
C PHE A 6 -5.35 10.89 -0.82
N THR A 7 -6.03 11.21 -1.92
CA THR A 7 -6.08 10.31 -3.07
C THR A 7 -4.68 9.92 -3.53
N ASP A 8 -3.77 10.88 -3.52
CA ASP A 8 -2.39 10.64 -3.93
C ASP A 8 -1.68 9.73 -2.94
N ASN A 9 -1.88 9.99 -1.65
CA ASN A 9 -1.26 9.18 -0.60
C ASN A 9 -1.85 7.78 -0.58
N TYR A 10 -3.15 7.68 -0.80
CA TYR A 10 -3.84 6.41 -0.80
C TYR A 10 -3.47 5.57 -2.03
N THR A 11 -3.47 6.22 -3.20
CA THR A 11 -3.13 5.55 -4.43
C THR A 11 -1.71 5.00 -4.40
N ARG A 12 -0.79 5.81 -3.90
CA ARG A 12 0.61 5.41 -3.80
C ARG A 12 0.79 4.31 -2.76
N LEU A 13 0.00 4.37 -1.69
CA LEU A 13 0.08 3.39 -0.62
C LEU A 13 -0.41 2.02 -1.11
N ARG A 14 -1.37 2.03 -2.03
CA ARG A 14 -1.92 0.80 -2.58
C ARG A 14 -0.81 -0.06 -3.19
N LYS A 15 0.28 0.58 -3.60
CA LYS A 15 1.40 -0.11 -4.20
C LYS A 15 2.13 -0.97 -3.16
N GLN A 16 2.24 -0.44 -1.95
CA GLN A 16 2.90 -1.15 -0.87
C GLN A 16 2.28 -2.52 -0.63
N MET A 17 0.97 -2.60 -0.82
CA MET A 17 0.24 -3.85 -0.63
C MET A 17 0.82 -4.95 -1.52
N ALA A 18 1.38 -4.55 -2.66
CA ALA A 18 1.97 -5.52 -3.59
C ALA A 18 3.16 -6.23 -2.95
N VAL A 19 4.07 -5.45 -2.36
CA VAL A 19 5.25 -6.01 -1.73
C VAL A 19 4.88 -6.77 -0.46
N LYS A 20 4.06 -6.15 0.38
CA LYS A 20 3.63 -6.77 1.62
C LYS A 20 3.01 -8.15 1.36
N LYS A 21 2.38 -8.30 0.21
CA LYS A 21 1.75 -9.56 -0.16
C LYS A 21 2.80 -10.67 -0.30
N TYR A 22 3.82 -10.41 -1.10
CA TYR A 22 4.89 -11.39 -1.32
C TYR A 22 5.79 -11.49 -0.10
N LEU A 23 6.25 -10.34 0.39
CA LEU A 23 7.13 -10.30 1.56
C LEU A 23 6.49 -11.03 2.74
N ASN A 24 5.17 -10.94 2.84
CA ASN A 24 4.44 -11.60 3.92
C ASN A 24 4.46 -13.11 3.74
N SER A 25 4.45 -13.56 2.49
CA SER A 25 4.46 -14.98 2.18
C SER A 25 5.85 -15.57 2.36
N ILE A 26 6.87 -14.78 2.04
CA ILE A 26 8.26 -15.21 2.18
C ILE A 26 8.89 -14.66 3.45
N LEU A 27 8.85 -13.34 3.60
CA LEU A 27 9.41 -12.69 4.78
C LEU A 27 8.67 -13.11 6.05
N ASN A 28 7.40 -13.48 5.89
CA ASN A 28 6.59 -13.91 7.02
C ASN A 28 5.95 -15.26 6.75
N GLY A 29 6.36 -15.90 5.66
CA GLY A 29 5.81 -17.19 5.31
C GLY A 29 5.52 -18.05 6.53
N HIS A 1 -8.54 23.52 2.49
CA HIS A 1 -7.20 23.20 2.03
C HIS A 1 -6.87 21.73 2.28
N SER A 2 -5.74 21.28 1.75
CA SER A 2 -5.32 19.89 1.91
C SER A 2 -6.51 18.95 1.82
N ASP A 3 -7.36 19.17 0.81
CA ASP A 3 -8.53 18.34 0.60
C ASP A 3 -8.22 17.17 -0.34
N ALA A 4 -8.73 15.99 0.01
CA ALA A 4 -8.51 14.80 -0.81
C ALA A 4 -7.03 14.47 -0.90
N VAL A 5 -6.26 14.91 0.08
CA VAL A 5 -4.81 14.67 0.11
C VAL A 5 -4.52 13.19 0.31
N PHE A 6 -5.51 12.45 0.82
CA PHE A 6 -5.35 11.03 1.07
C PHE A 6 -5.27 10.25 -0.24
N THR A 7 -5.79 10.85 -1.30
CA THR A 7 -5.77 10.21 -2.62
C THR A 7 -4.36 9.82 -3.02
N ASP A 8 -3.40 10.70 -2.75
CA ASP A 8 -2.01 10.43 -3.08
C ASP A 8 -1.45 9.29 -2.24
N ASN A 9 -1.75 9.30 -0.95
CA ASN A 9 -1.29 8.27 -0.04
C ASN A 9 -1.96 6.93 -0.35
N TYR A 10 -3.24 6.97 -0.69
CA TYR A 10 -3.99 5.77 -1.01
C TYR A 10 -3.52 5.17 -2.33
N THR A 11 -3.37 6.02 -3.34
CA THR A 11 -2.92 5.58 -4.65
C THR A 11 -1.50 5.02 -4.60
N ARG A 12 -0.63 5.72 -3.88
CA ARG A 12 0.76 5.30 -3.75
C ARG A 12 0.87 4.09 -2.83
N LEU A 13 0.12 4.09 -1.75
CA LEU A 13 0.13 2.99 -0.79
C LEU A 13 -0.38 1.71 -1.44
N ARG A 14 -1.33 1.85 -2.36
CA ARG A 14 -1.90 0.70 -3.05
C ARG A 14 -0.81 -0.11 -3.75
N LYS A 15 0.19 0.59 -4.27
CA LYS A 15 1.30 -0.06 -4.97
C LYS A 15 2.15 -0.88 -4.00
N GLN A 16 2.33 -0.36 -2.79
CA GLN A 16 3.11 -1.04 -1.77
C GLN A 16 2.47 -2.37 -1.37
N MET A 17 1.15 -2.41 -1.43
CA MET A 17 0.41 -3.62 -1.08
C MET A 17 0.91 -4.81 -1.89
N ALA A 18 1.46 -4.54 -3.07
CA ALA A 18 1.97 -5.59 -3.93
C ALA A 18 3.15 -6.31 -3.28
N VAL A 19 4.12 -5.54 -2.81
CA VAL A 19 5.30 -6.11 -2.16
C VAL A 19 4.95 -6.71 -0.81
N LYS A 20 4.21 -5.95 -0.01
CA LYS A 20 3.80 -6.41 1.32
C LYS A 20 3.09 -7.75 1.23
N LYS A 21 2.38 -7.97 0.12
CA LYS A 21 1.64 -9.21 -0.08
C LYS A 21 2.60 -10.40 -0.15
N TYR A 22 3.60 -10.30 -1.02
CA TYR A 22 4.59 -11.37 -1.19
C TYR A 22 5.54 -11.42 0.01
N LEU A 23 6.11 -10.26 0.34
CA LEU A 23 7.03 -10.17 1.47
C LEU A 23 6.42 -10.74 2.74
N ASN A 24 5.11 -10.54 2.89
CA ASN A 24 4.40 -11.03 4.08
C ASN A 24 4.30 -12.55 4.05
N SER A 25 4.20 -13.11 2.84
CA SER A 25 4.08 -14.55 2.68
C SER A 25 5.44 -15.23 2.85
N ILE A 26 6.50 -14.54 2.42
CA ILE A 26 7.85 -15.07 2.54
C ILE A 26 8.59 -14.45 3.72
N LEU A 27 8.64 -13.12 3.74
CA LEU A 27 9.31 -12.40 4.81
C LEU A 27 8.61 -12.63 6.15
N ASN A 28 7.32 -12.93 6.09
CA ASN A 28 6.53 -13.17 7.29
C ASN A 28 5.78 -14.49 7.19
N GLY A 29 6.10 -15.26 6.15
CA GLY A 29 5.44 -16.55 5.96
C GLY A 29 5.12 -17.23 7.28
N HIS A 1 -14.78 19.23 2.34
CA HIS A 1 -14.34 18.20 1.42
C HIS A 1 -14.62 18.60 -0.02
N SER A 2 -13.66 19.27 -0.64
CA SER A 2 -13.80 19.72 -2.03
C SER A 2 -12.79 19.02 -2.93
N ASP A 3 -11.52 19.31 -2.70
CA ASP A 3 -10.45 18.71 -3.50
C ASP A 3 -10.14 17.29 -3.03
N ALA A 4 -9.28 16.60 -3.77
CA ALA A 4 -8.91 15.23 -3.43
C ALA A 4 -7.39 15.07 -3.44
N VAL A 5 -6.76 15.30 -2.29
CA VAL A 5 -5.32 15.17 -2.17
C VAL A 5 -4.92 13.79 -1.66
N PHE A 6 -5.69 13.28 -0.69
CA PHE A 6 -5.43 11.98 -0.12
C PHE A 6 -5.39 10.90 -1.20
N THR A 7 -6.03 11.19 -2.33
CA THR A 7 -6.07 10.24 -3.45
C THR A 7 -4.66 9.82 -3.85
N ASP A 8 -3.74 10.77 -3.85
CA ASP A 8 -2.35 10.51 -4.22
C ASP A 8 -1.68 9.61 -3.19
N ASN A 9 -1.88 9.93 -1.91
CA ASN A 9 -1.29 9.14 -0.83
C ASN A 9 -1.91 7.75 -0.76
N TYR A 10 -3.22 7.68 -1.00
CA TYR A 10 -3.94 6.41 -0.96
C TYR A 10 -3.55 5.53 -2.15
N THR A 11 -3.51 6.14 -3.34
CA THR A 11 -3.17 5.42 -4.55
C THR A 11 -1.73 4.93 -4.51
N ARG A 12 -0.83 5.77 -4.01
CA ARG A 12 0.58 5.42 -3.91
C ARG A 12 0.81 4.44 -2.78
N LEU A 13 0.06 4.59 -1.70
CA LEU A 13 0.18 3.70 -0.54
C LEU A 13 -0.42 2.33 -0.84
N ARG A 14 -1.55 2.33 -1.53
CA ARG A 14 -2.23 1.09 -1.88
C ARG A 14 -1.29 0.16 -2.65
N LYS A 15 -0.39 0.74 -3.44
CA LYS A 15 0.56 -0.02 -4.23
C LYS A 15 1.58 -0.70 -3.34
N GLN A 16 1.99 -0.01 -2.27
CA GLN A 16 2.97 -0.55 -1.33
C GLN A 16 2.52 -1.90 -0.79
N MET A 17 1.21 -2.06 -0.63
CA MET A 17 0.65 -3.30 -0.11
C MET A 17 1.10 -4.50 -0.94
N ALA A 18 1.60 -4.22 -2.13
CA ALA A 18 2.09 -5.27 -3.02
C ALA A 18 3.29 -5.99 -2.41
N VAL A 19 4.14 -5.23 -1.72
CA VAL A 19 5.32 -5.80 -1.09
C VAL A 19 4.95 -6.69 0.09
N LYS A 20 4.10 -6.19 0.97
CA LYS A 20 3.66 -6.94 2.13
C LYS A 20 3.07 -8.28 1.72
N LYS A 21 2.45 -8.30 0.54
CA LYS A 21 1.84 -9.53 0.03
C LYS A 21 2.89 -10.61 -0.22
N TYR A 22 3.93 -10.25 -0.98
CA TYR A 22 5.00 -11.18 -1.29
C TYR A 22 5.89 -11.42 -0.07
N LEU A 23 6.33 -10.34 0.55
CA LEU A 23 7.19 -10.43 1.73
C LEU A 23 6.55 -11.29 2.80
N ASN A 24 5.22 -11.22 2.90
CA ASN A 24 4.48 -12.00 3.89
C ASN A 24 4.50 -13.49 3.53
N SER A 25 4.52 -13.78 2.24
CA SER A 25 4.55 -15.16 1.77
C SER A 25 5.94 -15.76 1.90
N ILE A 26 6.96 -14.93 1.72
CA ILE A 26 8.34 -15.38 1.82
C ILE A 26 8.95 -14.97 3.16
N LEU A 27 8.89 -13.67 3.46
CA LEU A 27 9.44 -13.15 4.71
C LEU A 27 8.69 -13.71 5.91
N ASN A 28 7.42 -14.06 5.69
CA ASN A 28 6.59 -14.61 6.76
C ASN A 28 5.98 -15.95 6.33
N GLY A 29 6.43 -16.47 5.20
CA GLY A 29 5.91 -17.73 4.70
C GLY A 29 4.54 -17.58 4.09
N HIS A 1 -10.97 14.98 7.04
CA HIS A 1 -10.39 15.76 5.97
C HIS A 1 -10.95 15.33 4.61
N SER A 2 -11.49 16.29 3.87
CA SER A 2 -12.07 16.01 2.56
C SER A 2 -11.17 15.05 1.77
N ASP A 3 -11.80 14.24 0.91
CA ASP A 3 -11.07 13.28 0.10
C ASP A 3 -10.66 13.89 -1.24
N ALA A 4 -9.50 14.54 -1.26
CA ALA A 4 -8.99 15.17 -2.47
C ALA A 4 -7.52 14.85 -2.68
N VAL A 5 -6.67 15.39 -1.80
CA VAL A 5 -5.24 15.17 -1.89
C VAL A 5 -4.86 13.77 -1.43
N PHE A 6 -5.62 13.24 -0.47
CA PHE A 6 -5.38 11.91 0.07
C PHE A 6 -5.37 10.88 -1.05
N THR A 7 -6.02 11.20 -2.16
CA THR A 7 -6.10 10.30 -3.31
C THR A 7 -4.72 9.88 -3.76
N ASP A 8 -3.77 10.81 -3.73
CA ASP A 8 -2.40 10.53 -4.15
C ASP A 8 -1.72 9.59 -3.17
N ASN A 9 -1.89 9.86 -1.87
CA ASN A 9 -1.29 9.02 -0.83
C ASN A 9 -1.94 7.64 -0.81
N TYR A 10 -3.26 7.61 -0.99
CA TYR A 10 -3.99 6.35 -0.99
C TYR A 10 -3.65 5.51 -2.21
N THR A 11 -3.64 6.13 -3.38
CA THR A 11 -3.33 5.45 -4.62
C THR A 11 -1.89 4.94 -4.61
N ARG A 12 -0.97 5.77 -4.16
CA ARG A 12 0.44 5.39 -4.10
C ARG A 12 0.69 4.40 -2.97
N LEU A 13 0.02 4.60 -1.84
CA LEU A 13 0.16 3.72 -0.69
C LEU A 13 -0.39 2.32 -1.00
N ARG A 14 -1.42 2.27 -1.84
CA ARG A 14 -2.04 1.01 -2.21
C ARG A 14 -1.01 0.06 -2.84
N LYS A 15 -0.12 0.63 -3.65
CA LYS A 15 0.92 -0.15 -4.31
C LYS A 15 1.89 -0.74 -3.29
N GLN A 16 2.19 0.03 -2.25
CA GLN A 16 3.11 -0.42 -1.21
C GLN A 16 2.63 -1.73 -0.60
N MET A 17 1.32 -1.92 -0.56
CA MET A 17 0.74 -3.14 0.00
C MET A 17 1.12 -4.36 -0.82
N ALA A 18 1.59 -4.11 -2.05
CA ALA A 18 1.99 -5.20 -2.94
C ALA A 18 3.19 -5.94 -2.38
N VAL A 19 4.10 -5.21 -1.73
CA VAL A 19 5.29 -5.81 -1.15
C VAL A 19 4.94 -6.68 0.05
N LYS A 20 4.15 -6.14 0.97
CA LYS A 20 3.74 -6.86 2.16
C LYS A 20 3.07 -8.19 1.79
N LYS A 21 2.41 -8.21 0.64
CA LYS A 21 1.74 -9.41 0.16
C LYS A 21 2.75 -10.52 -0.12
N TYR A 22 3.75 -10.19 -0.94
CA TYR A 22 4.78 -11.17 -1.29
C TYR A 22 5.72 -11.43 -0.11
N LEU A 23 6.22 -10.35 0.49
CA LEU A 23 7.13 -10.46 1.63
C LEU A 23 6.51 -11.33 2.72
N ASN A 24 5.19 -11.30 2.83
CA ASN A 24 4.48 -12.08 3.83
C ASN A 24 4.55 -13.57 3.51
N SER A 25 4.56 -13.89 2.23
CA SER A 25 4.62 -15.28 1.78
C SER A 25 6.03 -15.84 1.93
N ILE A 26 7.02 -14.97 1.74
CA ILE A 26 8.42 -15.38 1.85
C ILE A 26 9.01 -14.97 3.20
N LEU A 27 8.91 -13.69 3.51
CA LEU A 27 9.42 -13.17 4.78
C LEU A 27 8.65 -13.76 5.96
N ASN A 28 7.37 -14.01 5.76
CA ASN A 28 6.53 -14.57 6.80
C ASN A 28 5.95 -15.92 6.37
N GLY A 29 6.45 -16.45 5.27
CA GLY A 29 5.98 -17.72 4.77
C GLY A 29 7.06 -18.53 4.08
N HIS A 1 -14.59 15.98 2.81
CA HIS A 1 -14.55 14.90 1.82
C HIS A 1 -14.69 15.45 0.42
N SER A 2 -14.04 16.58 0.15
CA SER A 2 -14.10 17.21 -1.16
C SER A 2 -12.73 17.19 -1.83
N ASP A 3 -11.71 17.56 -1.08
CA ASP A 3 -10.34 17.59 -1.59
C ASP A 3 -10.03 16.31 -2.36
N ALA A 4 -10.48 15.18 -1.84
CA ALA A 4 -10.25 13.89 -2.48
C ALA A 4 -8.79 13.73 -2.86
N VAL A 5 -7.91 14.44 -2.16
CA VAL A 5 -6.48 14.36 -2.42
C VAL A 5 -5.89 13.06 -1.91
N PHE A 6 -6.53 12.49 -0.89
CA PHE A 6 -6.06 11.23 -0.31
C PHE A 6 -5.93 10.15 -1.38
N THR A 7 -6.66 10.32 -2.47
CA THR A 7 -6.62 9.35 -3.57
C THR A 7 -5.19 9.12 -4.05
N ASP A 8 -4.41 10.20 -4.10
CA ASP A 8 -3.03 10.10 -4.55
C ASP A 8 -2.18 9.32 -3.54
N ASN A 9 -2.36 9.64 -2.26
CA ASN A 9 -1.62 8.95 -1.20
C ASN A 9 -2.05 7.50 -1.08
N TYR A 10 -3.33 7.25 -1.23
CA TYR A 10 -3.87 5.90 -1.13
C TYR A 10 -3.42 5.05 -2.32
N THR A 11 -3.54 5.60 -3.53
CA THR A 11 -3.14 4.90 -4.73
C THR A 11 -1.64 4.61 -4.73
N ARG A 12 -0.85 5.61 -4.36
CA ARG A 12 0.60 5.47 -4.31
C ARG A 12 1.02 4.59 -3.14
N LEU A 13 0.38 4.80 -1.99
CA LEU A 13 0.69 4.02 -0.80
C LEU A 13 0.34 2.54 -0.99
N ARG A 14 -0.67 2.28 -1.80
CA ARG A 14 -1.10 0.92 -2.07
C ARG A 14 0.06 0.08 -2.60
N LYS A 15 1.03 0.75 -3.21
CA LYS A 15 2.20 0.06 -3.76
C LYS A 15 3.09 -0.46 -2.64
N GLN A 16 3.21 0.31 -1.57
CA GLN A 16 4.03 -0.08 -0.43
C GLN A 16 3.46 -1.30 0.26
N MET A 17 2.15 -1.30 0.48
CA MET A 17 1.47 -2.41 1.15
C MET A 17 1.47 -3.65 0.25
N ALA A 18 1.63 -3.42 -1.05
CA ALA A 18 1.64 -4.52 -2.02
C ALA A 18 2.82 -5.45 -1.78
N VAL A 19 3.95 -4.87 -1.38
CA VAL A 19 5.16 -5.64 -1.12
C VAL A 19 5.00 -6.50 0.13
N LYS A 20 4.54 -5.89 1.21
CA LYS A 20 4.33 -6.59 2.47
C LYS A 20 3.42 -7.80 2.28
N LYS A 21 2.50 -7.68 1.33
CA LYS A 21 1.56 -8.76 1.05
C LYS A 21 2.29 -9.99 0.52
N TYR A 22 3.09 -9.80 -0.52
CA TYR A 22 3.86 -10.89 -1.11
C TYR A 22 5.01 -11.32 -0.20
N LEU A 23 5.80 -10.35 0.23
CA LEU A 23 6.93 -10.62 1.12
C LEU A 23 6.48 -11.40 2.35
N ASN A 24 5.28 -11.09 2.83
CA ASN A 24 4.74 -11.76 4.01
C ASN A 24 4.40 -13.22 3.70
N SER A 25 3.98 -13.47 2.46
CA SER A 25 3.62 -14.83 2.04
C SER A 25 4.87 -15.67 1.78
N ILE A 26 5.92 -15.01 1.28
CA ILE A 26 7.17 -15.70 0.99
C ILE A 26 8.20 -15.44 2.08
N LEU A 27 8.46 -14.17 2.34
CA LEU A 27 9.43 -13.78 3.36
C LEU A 27 8.98 -14.23 4.75
N ASN A 28 7.67 -14.36 4.92
CA ASN A 28 7.11 -14.78 6.19
C ASN A 28 6.17 -15.97 6.00
N GLY A 29 6.17 -16.53 4.80
CA GLY A 29 5.32 -17.67 4.51
C GLY A 29 5.95 -18.63 3.51
N HIS A 1 -12.62 6.49 6.20
CA HIS A 1 -11.94 7.77 6.10
C HIS A 1 -11.39 7.99 4.69
N SER A 2 -11.37 9.24 4.25
CA SER A 2 -10.87 9.58 2.93
C SER A 2 -10.78 11.09 2.75
N ASP A 3 -9.68 11.54 2.15
CA ASP A 3 -9.46 12.96 1.92
C ASP A 3 -8.99 13.22 0.49
N ALA A 4 -9.41 14.34 -0.08
CA ALA A 4 -9.03 14.69 -1.44
C ALA A 4 -7.54 14.46 -1.68
N VAL A 5 -6.71 15.04 -0.81
CA VAL A 5 -5.27 14.88 -0.93
C VAL A 5 -4.84 13.47 -0.59
N PHE A 6 -5.47 12.89 0.43
CA PHE A 6 -5.16 11.53 0.86
C PHE A 6 -5.27 10.55 -0.31
N THR A 7 -6.06 10.92 -1.31
CA THR A 7 -6.25 10.08 -2.48
C THR A 7 -4.92 9.70 -3.11
N ASP A 8 -3.99 10.64 -3.15
CA ASP A 8 -2.67 10.40 -3.73
C ASP A 8 -1.88 9.41 -2.88
N ASN A 9 -1.91 9.61 -1.57
CA ASN A 9 -1.19 8.75 -0.64
C ASN A 9 -1.82 7.35 -0.62
N TYR A 10 -3.14 7.31 -0.66
CA TYR A 10 -3.86 6.04 -0.64
C TYR A 10 -3.63 5.25 -1.93
N THR A 11 -3.75 5.94 -3.05
CA THR A 11 -3.56 5.31 -4.35
C THR A 11 -2.12 4.83 -4.52
N ARG A 12 -1.16 5.67 -4.12
CA ARG A 12 0.25 5.32 -4.23
C ARG A 12 0.63 4.28 -3.18
N LEU A 13 0.11 4.44 -1.97
CA LEU A 13 0.40 3.52 -0.89
C LEU A 13 -0.12 2.13 -1.20
N ARG A 14 -1.25 2.06 -1.91
CA ARG A 14 -1.85 0.79 -2.28
C ARG A 14 -0.87 -0.06 -3.08
N LYS A 15 -0.04 0.59 -3.88
CA LYS A 15 0.95 -0.11 -4.69
C LYS A 15 2.02 -0.76 -3.82
N GLN A 16 2.39 -0.08 -2.74
CA GLN A 16 3.40 -0.58 -1.82
C GLN A 16 3.00 -1.94 -1.28
N MET A 17 1.70 -2.22 -1.28
CA MET A 17 1.19 -3.49 -0.77
C MET A 17 1.68 -4.65 -1.65
N ALA A 18 2.03 -4.34 -2.89
CA ALA A 18 2.52 -5.35 -3.81
C ALA A 18 3.61 -6.19 -3.18
N VAL A 19 4.65 -5.52 -2.67
CA VAL A 19 5.77 -6.20 -2.04
C VAL A 19 5.35 -6.83 -0.71
N LYS A 20 4.65 -6.05 0.11
CA LYS A 20 4.19 -6.53 1.40
C LYS A 20 3.39 -7.82 1.27
N LYS A 21 2.66 -7.94 0.16
CA LYS A 21 1.86 -9.13 -0.11
C LYS A 21 2.73 -10.37 -0.21
N TYR A 22 3.75 -10.31 -1.05
CA TYR A 22 4.67 -11.42 -1.25
C TYR A 22 5.59 -11.58 -0.05
N LEU A 23 6.23 -10.48 0.35
CA LEU A 23 7.14 -10.49 1.49
C LEU A 23 6.45 -11.05 2.74
N ASN A 24 5.16 -10.77 2.87
CA ASN A 24 4.39 -11.24 4.01
C ASN A 24 4.19 -12.75 3.94
N SER A 25 4.08 -13.28 2.72
CA SER A 25 3.87 -14.71 2.52
C SER A 25 5.18 -15.48 2.72
N ILE A 26 6.30 -14.84 2.34
CA ILE A 26 7.61 -15.46 2.48
C ILE A 26 8.34 -14.92 3.70
N LEU A 27 8.49 -13.59 3.75
CA LEU A 27 9.17 -12.95 4.86
C LEU A 27 8.42 -13.16 6.17
N ASN A 28 7.11 -13.34 6.07
CA ASN A 28 6.28 -13.57 7.25
C ASN A 28 5.45 -14.84 7.10
N GLY A 29 5.76 -15.62 6.07
CA GLY A 29 5.05 -16.86 5.84
C GLY A 29 5.92 -17.93 5.23
#